data_8PAR
#
_entry.id   8PAR
#
_cell.length_a   76.723
_cell.length_b   100.205
_cell.length_c   39.497
_cell.angle_alpha   90.00
_cell.angle_beta   90.00
_cell.angle_gamma   90.00
#
_symmetry.space_group_name_H-M   'P 21 21 2'
#
loop_
_entity.id
_entity.type
_entity.pdbx_description
1 polymer 'Mitogen-activated protein kinase kinase kinase kinase 1'
2 non-polymer GLYCEROL
3 non-polymer ~{N}-[3,5-bis(fluoranyl)-4-[[3-[1-(trifluoromethyl)cyclopropyl]-1~{H}-pyrrolo[2,3-b]pyridin-4-yl]oxy]phenyl]-2,9-dioxa-4-azaspiro[5.5]undec-3-en-3-amine
4 water water
#
_entity_poly.entity_id   1
_entity_poly.type   'polypeptide(L)'
_entity_poly.pdbx_seq_one_letter_code
;GMDVVDPDIFNRDPRDHYDLLQRLGGGTYGEVFKARDKVSGDLVALKMVKMEPDDDVSTLQKEILILKTCRHANIVAYHG
SYLWLQKLWICMEFCGAGSLQDIYQVTGSLSELQISYVCREVLQGLAYLHSQKKIHRDIKGANILINDAGEVRLADFGIS
AQIGAELARRLEFIGTPYWMAPEVAAVALKGGYNELCDIWSLGITAIELAELQPPLFDVHPLRVLFLMTKSGYQPPRLKE
KGKWSAAFHNFIKVTLTKSPKKRPSATKMLSHQLVSQPGLNRGLILDLLDKLKNPGKGPSIGDIEDEE
;
_entity_poly.pdbx_strand_id   A
#
# COMPACT_ATOMS: atom_id res chain seq x y z
N ASP A 8 -21.74 11.26 4.11
CA ASP A 8 -21.44 12.69 4.37
C ASP A 8 -20.16 13.10 3.61
N ILE A 9 -20.30 13.52 2.34
CA ILE A 9 -19.25 14.26 1.57
C ILE A 9 -19.44 15.76 1.82
N PHE A 10 -19.09 16.23 3.02
CA PHE A 10 -19.18 17.64 3.49
C PHE A 10 -18.96 18.62 2.33
N ASN A 11 -19.63 19.79 2.37
CA ASN A 11 -19.26 21.02 1.61
C ASN A 11 -19.16 22.18 2.61
N ARG A 12 -18.01 22.35 3.27
CA ARG A 12 -17.79 23.35 4.35
C ARG A 12 -16.60 24.27 4.04
N ASP A 13 -15.61 23.77 3.28
CA ASP A 13 -14.26 24.35 3.04
C ASP A 13 -13.30 23.78 4.08
N PRO A 14 -12.34 22.93 3.65
CA PRO A 14 -11.37 22.34 4.57
C PRO A 14 -10.80 23.38 5.53
N ARG A 15 -10.49 24.57 5.00
CA ARG A 15 -9.78 25.66 5.72
C ARG A 15 -10.62 26.15 6.92
N ASP A 16 -11.83 25.63 7.13
CA ASP A 16 -12.69 25.99 8.29
C ASP A 16 -12.48 25.02 9.46
N HIS A 17 -12.10 23.76 9.21
CA HIS A 17 -11.83 22.72 10.24
C HIS A 17 -10.32 22.53 10.47
N TYR A 18 -9.51 22.81 9.43
CA TYR A 18 -8.04 22.52 9.38
C TYR A 18 -7.27 23.78 9.00
N ASP A 19 -6.14 24.00 9.69
CA ASP A 19 -5.01 24.86 9.23
C ASP A 19 -4.11 24.01 8.33
N LEU A 20 -3.68 24.56 7.19
CA LEU A 20 -2.69 23.92 6.27
C LEU A 20 -1.26 24.22 6.74
N LEU A 21 -0.39 23.22 6.81
CA LEU A 21 0.94 23.31 7.46
C LEU A 21 2.07 23.29 6.42
N GLN A 22 2.30 22.16 5.75
CA GLN A 22 3.25 22.08 4.60
C GLN A 22 2.68 21.16 3.53
N ARG A 23 2.96 21.47 2.26
CA ARG A 23 2.66 20.62 1.09
C ARG A 23 3.66 19.46 1.03
N LEU A 24 3.15 18.24 0.81
CA LEU A 24 3.90 16.97 0.96
C LEU A 24 3.99 16.21 -0.36
N GLY A 25 3.13 16.54 -1.35
CA GLY A 25 2.95 15.75 -2.58
C GLY A 25 3.99 16.03 -3.65
N GLY A 26 3.64 15.65 -4.88
CA GLY A 26 4.54 15.48 -6.04
C GLY A 26 4.63 14.01 -6.41
N GLY A 27 5.31 13.70 -7.52
CA GLY A 27 5.43 12.32 -8.06
C GLY A 27 4.06 11.66 -8.20
N THR A 28 3.98 10.38 -7.80
CA THR A 28 2.78 9.52 -7.95
C THR A 28 1.65 9.92 -7.00
N TYR A 29 1.95 10.73 -5.96
CA TYR A 29 1.03 11.07 -4.85
C TYR A 29 0.16 12.27 -5.20
N GLY A 30 0.62 13.10 -6.14
CA GLY A 30 -0.08 14.33 -6.55
C GLY A 30 -0.03 15.39 -5.45
N GLU A 31 -1.13 16.13 -5.28
CA GLU A 31 -1.24 17.31 -4.38
C GLU A 31 -1.76 16.86 -3.01
N VAL A 32 -0.92 16.98 -1.98
CA VAL A 32 -1.20 16.56 -0.57
C VAL A 32 -0.65 17.63 0.37
N PHE A 33 -1.31 17.85 1.50
CA PHE A 33 -1.00 18.89 2.50
C PHE A 33 -0.94 18.25 3.87
N LYS A 34 0.07 18.61 4.67
CA LYS A 34 0.01 18.46 6.15
C LYS A 34 -1.00 19.49 6.66
N ALA A 35 -1.71 19.19 7.75
CA ALA A 35 -2.76 20.03 8.35
C ALA A 35 -3.05 19.60 9.80
N ARG A 36 -3.71 20.49 10.57
CA ARG A 36 -3.98 20.36 12.03
C ARG A 36 -5.45 20.73 12.30
N ASP A 37 -6.07 20.09 13.30
CA ASP A 37 -7.50 20.28 13.70
C ASP A 37 -7.60 21.49 14.65
N ASP A 42 -4.41 17.60 16.61
CA ASP A 42 -4.53 16.41 15.70
C ASP A 42 -4.05 16.76 14.29
N LEU A 43 -3.01 16.07 13.83
CA LEU A 43 -2.38 16.23 12.48
C LEU A 43 -3.09 15.30 11.48
N VAL A 44 -3.38 15.82 10.28
CA VAL A 44 -3.98 15.05 9.15
C VAL A 44 -3.15 15.32 7.87
N ALA A 45 -3.39 14.47 6.87
CA ALA A 45 -3.05 14.73 5.46
C ALA A 45 -4.35 15.05 4.72
N LEU A 46 -4.30 16.10 3.90
CA LEU A 46 -5.36 16.46 2.95
C LEU A 46 -4.76 16.27 1.55
N LYS A 47 -5.37 15.31 0.81
CA LYS A 47 -5.12 15.06 -0.62
C LYS A 47 -6.20 15.83 -1.40
N MET A 48 -5.80 16.67 -2.35
CA MET A 48 -6.74 17.52 -3.12
C MET A 48 -6.72 17.11 -4.60
N VAL A 49 -7.91 16.88 -5.17
CA VAL A 49 -8.07 16.48 -6.61
C VAL A 49 -8.91 17.56 -7.29
N LYS A 50 -8.41 18.11 -8.40
CA LYS A 50 -9.08 19.16 -9.21
C LYS A 50 -10.27 18.52 -9.94
N MET A 51 -11.50 18.87 -9.55
CA MET A 51 -12.73 18.44 -10.27
C MET A 51 -12.85 19.30 -11.53
N GLU A 52 -13.05 18.63 -12.68
CA GLU A 52 -13.03 19.22 -14.04
C GLU A 52 -14.41 19.01 -14.68
N PRO A 53 -14.63 19.38 -15.96
CA PRO A 53 -15.98 19.56 -16.51
C PRO A 53 -16.96 18.40 -16.27
N ASP A 54 -16.77 17.28 -16.96
CA ASP A 54 -17.73 16.14 -16.99
C ASP A 54 -17.63 15.35 -15.68
N ASP A 55 -16.67 15.69 -14.82
CA ASP A 55 -16.51 15.08 -13.46
C ASP A 55 -17.88 15.09 -12.79
N ASP A 56 -18.18 14.00 -12.08
CA ASP A 56 -19.40 13.80 -11.28
C ASP A 56 -19.01 13.05 -10.00
N VAL A 57 -18.97 13.74 -8.86
CA VAL A 57 -18.53 13.18 -7.55
C VAL A 57 -19.34 11.91 -7.23
N SER A 58 -20.62 11.89 -7.62
CA SER A 58 -21.60 10.82 -7.30
C SER A 58 -21.15 9.45 -7.85
N THR A 59 -20.27 9.41 -8.87
CA THR A 59 -19.72 8.14 -9.44
C THR A 59 -18.69 7.53 -8.50
N LEU A 60 -18.11 8.31 -7.57
CA LEU A 60 -17.16 7.78 -6.55
C LEU A 60 -17.95 7.19 -5.37
N GLN A 61 -19.23 7.60 -5.19
CA GLN A 61 -20.15 7.13 -4.10
C GLN A 61 -19.78 5.74 -3.59
N LYS A 62 -19.65 4.77 -4.51
CA LYS A 62 -19.40 3.34 -4.19
C LYS A 62 -18.06 3.19 -3.46
N GLU A 63 -16.97 3.69 -4.06
CA GLU A 63 -15.57 3.54 -3.58
C GLU A 63 -15.29 4.50 -2.40
N ILE A 64 -16.29 5.30 -1.98
CA ILE A 64 -16.24 6.25 -0.81
C ILE A 64 -16.71 5.51 0.46
N LEU A 65 -17.81 4.76 0.37
CA LEU A 65 -18.36 3.98 1.52
C LEU A 65 -17.36 2.88 1.88
N ILE A 66 -16.65 2.35 0.87
CA ILE A 66 -15.57 1.32 1.02
C ILE A 66 -14.47 1.86 1.96
N LEU A 67 -14.23 3.19 1.96
CA LEU A 67 -13.17 3.85 2.78
C LEU A 67 -13.61 4.04 4.24
N LYS A 68 -14.73 4.72 4.47
CA LYS A 68 -15.17 5.23 5.80
C LYS A 68 -15.36 4.08 6.80
N THR A 69 -15.84 2.92 6.34
CA THR A 69 -16.22 1.74 7.16
C THR A 69 -15.07 0.72 7.24
N CYS A 70 -13.96 0.97 6.55
CA CYS A 70 -12.69 0.18 6.64
C CYS A 70 -11.80 0.82 7.73
N ARG A 71 -12.03 0.45 8.99
CA ARG A 71 -11.38 1.02 10.20
C ARG A 71 -10.49 -0.04 10.89
N HIS A 72 -9.17 0.17 10.85
CA HIS A 72 -8.14 -0.74 11.45
C HIS A 72 -6.85 0.05 11.68
N ALA A 73 -6.10 -0.27 12.74
CA ALA A 73 -4.85 0.43 13.12
C ALA A 73 -3.85 0.45 11.95
N ASN A 74 -3.75 -0.64 11.19
CA ASN A 74 -2.75 -0.82 10.09
C ASN A 74 -3.30 -0.28 8.77
N ILE A 75 -4.46 0.40 8.79
CA ILE A 75 -5.06 1.04 7.58
C ILE A 75 -5.08 2.54 7.86
N VAL A 76 -4.55 3.35 6.94
CA VAL A 76 -4.58 4.82 7.14
C VAL A 76 -6.06 5.20 7.30
N ALA A 77 -6.41 5.87 8.40
CA ALA A 77 -7.79 6.31 8.73
C ALA A 77 -8.25 7.36 7.72
N TYR A 78 -9.47 7.20 7.17
CA TYR A 78 -10.19 8.16 6.27
C TYR A 78 -11.26 8.91 7.05
N HIS A 79 -11.10 10.23 7.22
CA HIS A 79 -11.88 11.08 8.16
C HIS A 79 -13.05 11.82 7.48
N GLY A 80 -13.13 11.79 6.14
CA GLY A 80 -14.20 12.45 5.38
C GLY A 80 -13.64 13.26 4.21
N SER A 81 -14.54 13.68 3.30
CA SER A 81 -14.19 14.40 2.05
C SER A 81 -14.90 15.76 1.99
N TYR A 82 -14.41 16.65 1.12
CA TYR A 82 -14.93 18.01 0.87
C TYR A 82 -14.92 18.27 -0.64
N LEU A 83 -15.96 18.94 -1.15
CA LEU A 83 -16.02 19.37 -2.57
C LEU A 83 -15.84 20.89 -2.67
N TRP A 84 -16.13 21.63 -1.60
CA TRP A 84 -15.95 23.12 -1.56
C TRP A 84 -15.08 23.60 -2.74
N LEU A 85 -15.70 24.15 -3.79
CA LEU A 85 -15.06 24.94 -4.89
C LEU A 85 -14.19 24.03 -5.79
N GLN A 86 -14.80 23.44 -6.83
CA GLN A 86 -14.17 22.75 -8.01
C GLN A 86 -13.04 21.77 -7.59
N LYS A 87 -12.99 21.36 -6.31
CA LYS A 87 -11.87 20.56 -5.77
C LYS A 87 -12.42 19.62 -4.71
N LEU A 88 -12.02 18.35 -4.81
CA LEU A 88 -12.25 17.27 -3.83
C LEU A 88 -11.04 17.16 -2.90
N TRP A 89 -11.26 17.28 -1.59
CA TRP A 89 -10.23 17.17 -0.52
C TRP A 89 -10.55 15.96 0.35
N ILE A 90 -9.68 14.93 0.33
CA ILE A 90 -9.77 13.71 1.20
C ILE A 90 -8.84 13.90 2.41
N CYS A 91 -9.41 13.97 3.61
CA CYS A 91 -8.72 14.15 4.90
C CYS A 91 -8.42 12.79 5.55
N MET A 92 -7.14 12.50 5.79
CA MET A 92 -6.69 11.16 6.26
C MET A 92 -5.71 11.29 7.43
N GLU A 93 -5.57 10.18 8.17
CA GLU A 93 -4.50 9.97 9.17
C GLU A 93 -3.19 10.45 8.56
N PHE A 94 -2.45 11.29 9.29
CA PHE A 94 -1.11 11.79 8.90
C PHE A 94 -0.02 10.75 9.25
N CYS A 95 0.86 10.47 8.29
CA CYS A 95 2.06 9.61 8.48
C CYS A 95 3.31 10.43 8.17
N GLY A 96 3.95 10.98 9.22
CA GLY A 96 5.06 11.95 9.11
C GLY A 96 6.29 11.44 8.37
N ALA A 97 6.53 10.12 8.24
CA ALA A 97 7.78 9.66 7.57
C ALA A 97 7.53 9.30 6.09
N GLY A 98 6.32 9.48 5.56
CA GLY A 98 6.01 9.12 4.17
C GLY A 98 6.02 7.60 3.99
N SER A 99 6.41 7.11 2.80
CA SER A 99 6.38 5.67 2.46
C SER A 99 7.73 5.06 2.81
N LEU A 100 7.72 3.75 2.96
CA LEU A 100 8.96 2.96 2.98
C LEU A 100 9.88 3.29 1.79
N GLN A 101 9.36 3.62 0.61
CA GLN A 101 10.23 3.93 -0.56
C GLN A 101 10.94 5.28 -0.31
N ASP A 102 10.22 6.28 0.20
CA ASP A 102 10.82 7.56 0.62
C ASP A 102 11.97 7.28 1.59
N ILE A 103 11.78 6.32 2.49
CA ILE A 103 12.77 6.00 3.55
C ILE A 103 13.94 5.20 2.95
N TYR A 104 13.73 4.03 2.36
CA TYR A 104 14.83 3.19 1.83
C TYR A 104 15.66 3.93 0.78
N GLN A 105 15.08 4.82 -0.03
CA GLN A 105 15.88 5.67 -0.95
C GLN A 105 16.91 6.50 -0.16
N VAL A 106 16.76 6.69 1.16
CA VAL A 106 17.76 7.43 1.99
C VAL A 106 18.58 6.45 2.85
N THR A 107 17.95 5.46 3.48
CA THR A 107 18.60 4.61 4.49
C THR A 107 19.31 3.41 3.84
N GLY A 108 19.00 3.05 2.59
CA GLY A 108 19.42 1.75 2.03
C GLY A 108 18.54 0.64 2.58
N SER A 109 18.91 -0.61 2.30
CA SER A 109 18.03 -1.78 2.45
C SER A 109 17.61 -1.92 3.91
N LEU A 110 16.39 -2.40 4.14
CA LEU A 110 15.95 -2.67 5.54
C LEU A 110 16.62 -3.96 6.02
N SER A 111 16.83 -4.08 7.32
CA SER A 111 17.28 -5.36 7.94
C SER A 111 16.14 -6.36 7.82
N GLU A 112 16.43 -7.65 7.93
CA GLU A 112 15.40 -8.73 7.89
C GLU A 112 14.37 -8.51 9.01
N LEU A 113 14.83 -8.08 10.21
CA LEU A 113 13.91 -7.86 11.35
C LEU A 113 12.98 -6.67 11.05
N GLN A 114 13.49 -5.60 10.46
CA GLN A 114 12.65 -4.45 10.07
C GLN A 114 11.59 -4.95 9.06
N ILE A 115 12.01 -5.71 8.06
CA ILE A 115 11.13 -6.24 6.99
C ILE A 115 10.10 -7.16 7.65
N SER A 116 10.52 -7.98 8.62
CA SER A 116 9.62 -8.93 9.31
C SER A 116 8.52 -8.15 10.05
N TYR A 117 8.86 -7.02 10.68
CA TYR A 117 7.85 -6.19 11.40
C TYR A 117 6.90 -5.59 10.38
N VAL A 118 7.44 -5.01 9.31
CA VAL A 118 6.62 -4.38 8.23
C VAL A 118 5.65 -5.43 7.67
N CYS A 119 6.14 -6.64 7.39
CA CYS A 119 5.30 -7.71 6.79
C CYS A 119 4.15 -8.05 7.75
N ARG A 120 4.45 -8.19 9.03
CA ARG A 120 3.43 -8.55 10.03
C ARG A 120 2.35 -7.46 10.04
N GLU A 121 2.76 -6.18 10.08
CA GLU A 121 1.80 -5.05 10.20
C GLU A 121 0.97 -4.99 8.91
N VAL A 122 1.59 -5.19 7.76
CA VAL A 122 0.86 -5.17 6.45
C VAL A 122 -0.12 -6.35 6.43
N LEU A 123 0.31 -7.53 6.87
CA LEU A 123 -0.54 -8.75 6.84
C LEU A 123 -1.74 -8.57 7.78
N GLN A 124 -1.57 -7.85 8.90
CA GLN A 124 -2.67 -7.52 9.86
C GLN A 124 -3.67 -6.60 9.14
N GLY A 125 -3.18 -5.59 8.40
CA GLY A 125 -4.03 -4.71 7.57
C GLY A 125 -4.76 -5.48 6.46
N LEU A 126 -4.07 -6.40 5.80
CA LEU A 126 -4.63 -7.15 4.65
C LEU A 126 -5.69 -8.12 5.18
N ALA A 127 -5.40 -8.82 6.28
CA ALA A 127 -6.41 -9.68 6.94
C ALA A 127 -7.69 -8.87 7.18
N TYR A 128 -7.58 -7.61 7.61
CA TYR A 128 -8.75 -6.74 7.89
C TYR A 128 -9.47 -6.33 6.59
N LEU A 129 -8.73 -5.94 5.55
CA LEU A 129 -9.35 -5.52 4.27
C LEU A 129 -10.03 -6.73 3.64
N HIS A 130 -9.37 -7.89 3.65
CA HIS A 130 -9.91 -9.14 3.07
C HIS A 130 -11.18 -9.55 3.83
N SER A 131 -11.26 -9.28 5.14
CA SER A 131 -12.44 -9.58 5.99
C SER A 131 -13.64 -8.73 5.56
N GLN A 132 -13.41 -7.54 5.01
CA GLN A 132 -14.44 -6.61 4.47
C GLN A 132 -14.64 -6.82 2.96
N LYS A 133 -14.08 -7.91 2.40
CA LYS A 133 -14.15 -8.23 0.94
C LYS A 133 -13.56 -7.06 0.12
N LYS A 134 -12.55 -6.37 0.67
CA LYS A 134 -11.72 -5.38 -0.08
C LYS A 134 -10.43 -6.08 -0.53
N ILE A 135 -10.00 -5.87 -1.77
CA ILE A 135 -8.65 -6.23 -2.29
C ILE A 135 -7.87 -4.92 -2.39
N HIS A 136 -6.67 -4.83 -1.79
CA HIS A 136 -5.85 -3.59 -1.81
C HIS A 136 -5.46 -3.31 -3.27
N ARG A 137 -4.87 -4.31 -3.92
CA ARG A 137 -4.47 -4.33 -5.36
C ARG A 137 -3.14 -3.63 -5.60
N ASP A 138 -2.60 -2.83 -4.68
CA ASP A 138 -1.37 -2.03 -4.98
C ASP A 138 -0.41 -2.08 -3.77
N ILE A 139 -0.15 -3.25 -3.20
CA ILE A 139 0.90 -3.42 -2.14
C ILE A 139 2.30 -3.28 -2.80
N LYS A 140 3.10 -2.35 -2.25
CA LYS A 140 4.47 -1.97 -2.68
C LYS A 140 5.03 -0.96 -1.66
N GLY A 141 6.35 -0.74 -1.62
CA GLY A 141 6.99 0.22 -0.70
C GLY A 141 6.33 1.60 -0.71
N ALA A 142 5.98 2.11 -1.89
CA ALA A 142 5.37 3.45 -2.11
C ALA A 142 4.03 3.61 -1.38
N ASN A 143 3.33 2.50 -1.07
CA ASN A 143 1.95 2.55 -0.49
C ASN A 143 1.94 1.98 0.93
N ILE A 144 3.09 1.75 1.54
CA ILE A 144 3.20 1.45 2.98
C ILE A 144 3.78 2.68 3.67
N LEU A 145 2.96 3.36 4.45
CA LEU A 145 3.30 4.63 5.12
C LEU A 145 3.75 4.30 6.54
N ILE A 146 4.61 5.16 7.07
CA ILE A 146 5.22 5.05 8.40
C ILE A 146 4.96 6.36 9.15
N ASN A 147 4.45 6.30 10.39
CA ASN A 147 4.32 7.53 11.23
C ASN A 147 5.58 7.69 12.09
N ASP A 148 5.68 8.83 12.80
CA ASP A 148 6.91 9.17 13.57
C ASP A 148 7.02 8.24 14.79
N ALA A 149 5.94 7.55 15.16
CA ALA A 149 5.96 6.49 16.20
C ALA A 149 6.52 5.16 15.65
N GLY A 150 6.91 5.08 14.37
CA GLY A 150 7.40 3.84 13.72
C GLY A 150 6.28 2.84 13.46
N GLU A 151 5.04 3.30 13.36
CA GLU A 151 3.90 2.41 13.12
C GLU A 151 3.61 2.36 11.62
N VAL A 152 2.99 1.26 11.17
CA VAL A 152 2.82 0.93 9.73
C VAL A 152 1.33 1.05 9.33
N ARG A 153 1.07 1.81 8.26
CA ARG A 153 -0.30 2.04 7.70
C ARG A 153 -0.35 1.78 6.19
N LEU A 154 -1.29 0.94 5.72
CA LEU A 154 -1.54 0.76 4.27
C LEU A 154 -2.28 1.96 3.72
N ALA A 155 -1.73 2.55 2.66
CA ALA A 155 -2.30 3.77 2.02
C ALA A 155 -3.37 3.34 1.02
N ASP A 156 -4.47 4.11 0.97
CA ASP A 156 -5.66 3.89 0.10
C ASP A 156 -5.67 4.94 -1.02
N PHE A 157 -4.97 4.65 -2.13
CA PHE A 157 -4.78 5.57 -3.28
C PHE A 157 -5.88 5.29 -4.33
N GLY A 158 -5.62 5.58 -5.62
CA GLY A 158 -6.57 5.38 -6.73
C GLY A 158 -7.44 6.60 -7.00
N GLY A 175 -10.13 4.36 -23.30
CA GLY A 175 -11.28 4.67 -24.18
C GLY A 175 -12.60 4.39 -23.50
N THR A 176 -13.69 4.83 -24.13
CA THR A 176 -15.06 4.77 -23.56
C THR A 176 -15.49 3.31 -23.37
N PRO A 177 -16.48 3.08 -22.46
CA PRO A 177 -17.12 1.78 -22.32
C PRO A 177 -18.40 1.55 -23.13
N TYR A 178 -18.83 2.52 -23.94
CA TYR A 178 -20.20 2.52 -24.53
C TYR A 178 -20.42 1.30 -25.44
N TRP A 179 -19.36 0.75 -26.02
CA TRP A 179 -19.44 -0.37 -26.98
C TRP A 179 -19.09 -1.71 -26.33
N MET A 180 -18.70 -1.73 -25.04
CA MET A 180 -18.17 -2.92 -24.37
C MET A 180 -19.33 -3.85 -24.02
N ALA A 181 -19.18 -5.15 -24.27
CA ALA A 181 -20.06 -6.20 -23.72
C ALA A 181 -20.06 -6.13 -22.18
N PRO A 182 -21.14 -6.52 -21.48
CA PRO A 182 -21.16 -6.46 -20.02
C PRO A 182 -20.00 -7.27 -19.39
N GLU A 183 -19.58 -8.38 -19.98
CA GLU A 183 -18.48 -9.25 -19.46
C GLU A 183 -17.12 -8.55 -19.62
N VAL A 184 -16.97 -7.67 -20.62
CA VAL A 184 -15.72 -6.89 -20.81
C VAL A 184 -15.72 -5.80 -19.75
N ALA A 185 -16.88 -5.17 -19.50
CA ALA A 185 -17.12 -4.13 -18.47
C ALA A 185 -16.78 -4.64 -17.07
N ALA A 186 -17.23 -5.83 -16.70
CA ALA A 186 -16.96 -6.47 -15.39
C ALA A 186 -15.44 -6.52 -15.16
N VAL A 187 -14.69 -6.97 -16.16
CA VAL A 187 -13.22 -7.15 -16.06
C VAL A 187 -12.56 -5.75 -15.99
N ALA A 188 -12.98 -4.83 -16.85
CA ALA A 188 -12.55 -3.42 -16.83
C ALA A 188 -12.59 -2.88 -15.39
N LEU A 189 -13.58 -3.29 -14.58
CA LEU A 189 -13.68 -2.94 -13.14
C LEU A 189 -12.79 -3.87 -12.30
N LYS A 190 -13.14 -5.15 -12.20
CA LYS A 190 -12.67 -6.10 -11.14
C LYS A 190 -11.33 -6.77 -11.52
N GLY A 191 -11.33 -7.66 -12.51
CA GLY A 191 -10.20 -8.52 -12.85
C GLY A 191 -10.60 -9.98 -12.98
N GLY A 192 -11.32 -10.51 -11.98
CA GLY A 192 -11.70 -11.94 -11.87
C GLY A 192 -10.93 -12.62 -10.75
N TYR A 193 -9.62 -12.37 -10.71
CA TYR A 193 -8.67 -12.73 -9.61
C TYR A 193 -9.20 -12.27 -8.24
N ASN A 194 -8.52 -12.66 -7.14
CA ASN A 194 -9.08 -12.48 -5.78
C ASN A 194 -8.04 -11.82 -4.86
N GLU A 195 -8.30 -11.82 -3.56
CA GLU A 195 -7.56 -11.03 -2.55
C GLU A 195 -6.13 -11.58 -2.36
N LEU A 196 -5.87 -12.83 -2.76
CA LEU A 196 -4.54 -13.51 -2.64
C LEU A 196 -3.51 -12.86 -3.57
N CYS A 197 -3.93 -12.04 -4.50
CA CYS A 197 -2.96 -11.22 -5.27
C CYS A 197 -2.19 -10.29 -4.30
N ASP A 198 -2.79 -9.88 -3.18
CA ASP A 198 -2.12 -8.96 -2.21
C ASP A 198 -0.96 -9.70 -1.52
N ILE A 199 -1.08 -11.02 -1.36
CA ILE A 199 -0.09 -11.89 -0.68
C ILE A 199 1.16 -11.95 -1.58
N TRP A 200 0.94 -12.09 -2.89
CA TRP A 200 2.02 -12.07 -3.90
C TRP A 200 2.72 -10.71 -3.86
N SER A 201 1.95 -9.64 -3.93
CA SER A 201 2.49 -8.26 -3.90
C SER A 201 3.31 -8.05 -2.62
N LEU A 202 2.94 -8.68 -1.51
CA LEU A 202 3.70 -8.49 -0.24
C LEU A 202 5.06 -9.17 -0.37
N GLY A 203 5.12 -10.40 -0.89
CA GLY A 203 6.39 -11.07 -1.20
C GLY A 203 7.30 -10.18 -2.04
N ILE A 204 6.78 -9.60 -3.10
CA ILE A 204 7.62 -8.74 -4.00
C ILE A 204 8.10 -7.54 -3.17
N THR A 205 7.22 -6.97 -2.35
CA THR A 205 7.52 -5.79 -1.49
C THR A 205 8.65 -6.18 -0.52
N ALA A 206 8.64 -7.40 -0.01
CA ALA A 206 9.65 -7.85 0.96
C ALA A 206 11.02 -7.86 0.29
N ILE A 207 11.07 -8.26 -0.99
CA ILE A 207 12.31 -8.30 -1.80
C ILE A 207 12.72 -6.86 -2.07
N GLU A 208 11.75 -6.02 -2.42
CA GLU A 208 11.96 -4.56 -2.67
C GLU A 208 12.57 -3.93 -1.43
N LEU A 209 12.07 -4.28 -0.23
CA LEU A 209 12.59 -3.68 1.04
C LEU A 209 14.03 -4.16 1.30
N ALA A 210 14.37 -5.35 0.84
CA ALA A 210 15.69 -5.99 1.03
C ALA A 210 16.73 -5.50 0.01
N GLU A 211 16.33 -5.19 -1.22
CA GLU A 211 17.26 -5.03 -2.37
C GLU A 211 17.08 -3.69 -3.08
N LEU A 212 16.07 -2.87 -2.72
CA LEU A 212 15.84 -1.45 -3.15
C LEU A 212 15.09 -1.38 -4.48
N GLN A 213 14.75 -2.53 -5.04
CA GLN A 213 13.99 -2.66 -6.32
C GLN A 213 13.21 -3.96 -6.27
N PRO A 214 12.06 -4.02 -6.95
CA PRO A 214 11.39 -5.32 -7.10
C PRO A 214 12.24 -6.18 -8.04
N PRO A 215 12.04 -7.51 -8.12
CA PRO A 215 12.63 -8.31 -9.18
C PRO A 215 12.23 -7.77 -10.57
N LEU A 216 13.13 -7.89 -11.55
CA LEU A 216 12.89 -7.57 -12.99
C LEU A 216 12.69 -6.06 -13.21
N PHE A 217 13.11 -5.21 -12.26
CA PHE A 217 12.87 -3.75 -12.30
C PHE A 217 13.56 -3.13 -13.52
N ASP A 218 14.65 -3.74 -13.99
CA ASP A 218 15.48 -3.23 -15.12
C ASP A 218 14.94 -3.81 -16.45
N VAL A 219 13.87 -4.62 -16.40
CA VAL A 219 13.25 -5.28 -17.59
C VAL A 219 12.02 -4.48 -18.00
N HIS A 220 11.83 -4.26 -19.32
CA HIS A 220 10.64 -3.61 -19.91
C HIS A 220 9.34 -4.15 -19.33
N PRO A 221 8.42 -3.28 -18.87
CA PRO A 221 7.17 -3.73 -18.25
C PRO A 221 6.36 -4.73 -19.09
N LEU A 222 6.21 -4.49 -20.40
CA LEU A 222 5.50 -5.43 -21.33
C LEU A 222 6.14 -6.82 -21.27
N ARG A 223 7.46 -6.85 -21.33
CA ARG A 223 8.23 -8.13 -21.35
C ARG A 223 7.96 -8.86 -20.04
N VAL A 224 7.93 -8.13 -18.93
CA VAL A 224 7.63 -8.72 -17.61
C VAL A 224 6.24 -9.35 -17.66
N LEU A 225 5.23 -8.61 -18.11
CA LEU A 225 3.86 -9.16 -18.21
C LEU A 225 3.93 -10.49 -18.98
N PHE A 226 4.60 -10.52 -20.14
CA PHE A 226 4.65 -11.72 -21.02
C PHE A 226 5.35 -12.86 -20.29
N LEU A 227 6.51 -12.56 -19.69
CA LEU A 227 7.30 -13.59 -18.95
C LEU A 227 6.47 -14.15 -17.79
N MET A 228 5.84 -13.29 -16.96
CA MET A 228 5.03 -13.75 -15.78
C MET A 228 3.90 -14.65 -16.28
N THR A 229 3.45 -14.42 -17.52
CA THR A 229 2.27 -15.07 -18.14
C THR A 229 2.58 -16.51 -18.57
N LYS A 230 3.84 -16.84 -18.89
CA LYS A 230 4.24 -18.23 -19.27
C LYS A 230 3.94 -19.18 -18.10
N SER A 231 3.68 -20.45 -18.44
CA SER A 231 3.43 -21.55 -17.47
C SER A 231 4.78 -22.08 -16.96
N GLY A 232 5.88 -21.70 -17.60
CA GLY A 232 7.25 -22.02 -17.15
C GLY A 232 7.84 -20.94 -16.26
N TYR A 233 7.10 -19.89 -15.90
CA TYR A 233 7.63 -18.74 -15.11
C TYR A 233 8.09 -19.26 -13.76
N GLN A 234 9.30 -18.87 -13.36
CA GLN A 234 9.86 -19.14 -12.02
C GLN A 234 9.56 -17.90 -11.17
N PRO A 235 8.78 -18.03 -10.06
CA PRO A 235 8.65 -16.95 -9.10
C PRO A 235 10.03 -16.38 -8.74
N PRO A 236 10.18 -15.06 -8.58
CA PRO A 236 11.46 -14.50 -8.15
C PRO A 236 11.92 -14.96 -6.74
N ARG A 237 13.18 -14.66 -6.43
CA ARG A 237 13.85 -15.06 -5.18
C ARG A 237 14.70 -13.88 -4.71
N LEU A 238 15.11 -13.90 -3.45
CA LEU A 238 16.19 -13.04 -2.90
C LEU A 238 17.52 -13.42 -3.57
N LYS A 239 18.28 -12.41 -3.98
CA LYS A 239 19.45 -12.55 -4.87
C LYS A 239 20.60 -13.15 -4.04
N GLU A 240 20.89 -12.59 -2.87
CA GLU A 240 21.96 -13.11 -1.96
C GLU A 240 21.35 -14.09 -0.98
N LYS A 241 21.64 -15.39 -1.09
CA LYS A 241 21.06 -16.44 -0.21
C LYS A 241 21.60 -16.27 1.23
N GLY A 242 22.92 -16.12 1.39
CA GLY A 242 23.63 -16.11 2.68
C GLY A 242 23.19 -14.98 3.61
N LYS A 243 22.74 -13.86 3.06
CA LYS A 243 22.38 -12.66 3.87
C LYS A 243 21.13 -12.90 4.72
N TRP A 244 20.28 -13.88 4.39
CA TRP A 244 18.90 -13.97 4.95
C TRP A 244 18.67 -15.35 5.58
N SER A 245 17.88 -15.41 6.65
CA SER A 245 17.48 -16.66 7.35
C SER A 245 16.64 -17.55 6.42
N ALA A 246 16.52 -18.85 6.74
CA ALA A 246 15.66 -19.81 6.00
C ALA A 246 14.19 -19.38 6.11
N ALA A 247 13.82 -18.74 7.22
CA ALA A 247 12.46 -18.28 7.51
C ALA A 247 12.07 -17.19 6.48
N PHE A 248 13.00 -16.29 6.17
CA PHE A 248 12.80 -15.21 5.16
C PHE A 248 12.69 -15.87 3.78
N HIS A 249 13.68 -16.68 3.37
CA HIS A 249 13.62 -17.42 2.09
C HIS A 249 12.28 -18.17 1.97
N ASN A 250 11.82 -18.76 3.06
CA ASN A 250 10.57 -19.55 3.02
C ASN A 250 9.37 -18.61 2.90
N PHE A 251 9.39 -17.47 3.59
CA PHE A 251 8.30 -16.46 3.52
C PHE A 251 8.15 -16.01 2.07
N ILE A 252 9.26 -15.74 1.40
CA ILE A 252 9.29 -15.33 -0.03
C ILE A 252 8.72 -16.47 -0.90
N LYS A 253 9.19 -17.70 -0.67
CA LYS A 253 8.77 -18.86 -1.48
C LYS A 253 7.25 -19.04 -1.36
N VAL A 254 6.66 -18.88 -0.18
CA VAL A 254 5.22 -19.21 0.00
C VAL A 254 4.35 -18.02 -0.42
N THR A 255 4.76 -16.77 -0.13
CA THR A 255 3.99 -15.59 -0.60
C THR A 255 3.95 -15.60 -2.13
N LEU A 256 5.06 -15.97 -2.75
CA LEU A 256 5.19 -15.99 -4.23
C LEU A 256 4.82 -17.37 -4.80
N THR A 257 3.76 -17.99 -4.29
CA THR A 257 3.19 -19.21 -4.92
C THR A 257 2.50 -18.80 -6.23
N LYS A 258 2.87 -19.47 -7.33
CA LYS A 258 2.39 -19.13 -8.70
C LYS A 258 0.86 -19.27 -8.72
N SER A 259 0.33 -20.40 -8.26
CA SER A 259 -1.11 -20.73 -8.33
C SER A 259 -1.87 -20.01 -7.22
N PRO A 260 -2.87 -19.16 -7.55
CA PRO A 260 -3.63 -18.46 -6.52
C PRO A 260 -4.37 -19.42 -5.58
N LYS A 261 -4.66 -20.65 -6.03
CA LYS A 261 -5.47 -21.65 -5.28
C LYS A 261 -4.64 -22.28 -4.16
N LYS A 262 -3.31 -22.26 -4.26
CA LYS A 262 -2.42 -22.88 -3.24
C LYS A 262 -1.70 -21.78 -2.44
N ARG A 263 -1.97 -20.50 -2.72
CA ARG A 263 -1.25 -19.36 -2.11
C ARG A 263 -1.91 -19.07 -0.77
N PRO A 264 -1.16 -19.02 0.33
CA PRO A 264 -1.76 -18.81 1.65
C PRO A 264 -2.39 -17.43 1.84
N SER A 265 -3.45 -17.39 2.64
CA SER A 265 -4.19 -16.17 3.01
C SER A 265 -3.35 -15.28 3.94
N ALA A 266 -3.76 -14.02 4.14
CA ALA A 266 -3.18 -13.07 5.12
C ALA A 266 -3.14 -13.71 6.51
N THR A 267 -4.32 -14.10 7.03
CA THR A 267 -4.50 -14.81 8.32
C THR A 267 -3.51 -15.97 8.43
N LYS A 268 -3.45 -16.86 7.45
CA LYS A 268 -2.51 -18.02 7.45
C LYS A 268 -1.08 -17.50 7.52
N MET A 269 -0.73 -16.49 6.72
CA MET A 269 0.65 -15.94 6.64
C MET A 269 1.09 -15.39 8.00
N LEU A 270 0.18 -14.83 8.80
CA LEU A 270 0.48 -14.25 10.13
C LEU A 270 0.93 -15.30 11.14
N SER A 271 0.77 -16.60 10.88
CA SER A 271 1.31 -17.66 11.77
C SER A 271 2.68 -18.11 11.24
N HIS A 272 3.10 -17.57 10.11
CA HIS A 272 4.44 -17.89 9.56
C HIS A 272 5.52 -17.42 10.55
N GLN A 273 6.61 -18.18 10.64
CA GLN A 273 7.72 -18.00 11.61
C GLN A 273 8.25 -16.56 11.50
N LEU A 274 8.49 -16.09 10.28
CA LEU A 274 9.12 -14.77 10.05
C LEU A 274 8.32 -13.69 10.77
N VAL A 275 6.99 -13.74 10.75
CA VAL A 275 6.12 -12.61 11.22
C VAL A 275 5.57 -12.87 12.63
N SER A 276 5.68 -14.10 13.13
CA SER A 276 5.13 -14.50 14.44
C SER A 276 6.26 -14.59 15.48
N GLN A 277 7.51 -14.35 15.06
CA GLN A 277 8.69 -14.30 15.97
C GLN A 277 8.53 -13.12 16.93
N PRO A 278 8.92 -13.32 18.21
CA PRO A 278 8.80 -12.25 19.21
C PRO A 278 9.95 -11.29 18.95
N GLY A 279 9.85 -10.07 19.50
CA GLY A 279 10.83 -9.00 19.29
C GLY A 279 10.39 -8.04 18.20
N LEU A 280 9.41 -8.39 17.37
CA LEU A 280 8.94 -7.48 16.30
C LEU A 280 8.09 -6.37 16.94
N ASN A 281 8.58 -5.13 16.88
CA ASN A 281 7.84 -3.93 17.38
C ASN A 281 8.46 -2.68 16.77
N ARG A 282 7.71 -1.58 16.94
CA ARG A 282 7.91 -0.28 16.26
C ARG A 282 9.32 0.24 16.52
N GLY A 283 9.99 -0.23 17.57
CA GLY A 283 11.41 0.09 17.83
C GLY A 283 12.26 -0.15 16.61
N LEU A 284 12.00 -1.22 15.88
CA LEU A 284 12.78 -1.58 14.67
C LEU A 284 12.69 -0.42 13.67
N ILE A 285 11.52 0.22 13.57
CA ILE A 285 11.29 1.34 12.62
C ILE A 285 11.80 2.65 13.21
N LEU A 286 11.69 2.88 14.51
CA LEU A 286 12.24 4.14 15.12
C LEU A 286 13.74 4.24 14.80
N ASP A 287 14.40 3.10 14.86
CA ASP A 287 15.80 2.84 14.47
C ASP A 287 16.00 3.31 13.03
N LEU A 288 15.16 2.81 12.12
CA LEU A 288 15.23 3.17 10.68
C LEU A 288 15.06 4.69 10.57
N LEU A 289 14.17 5.31 11.34
CA LEU A 289 13.88 6.77 11.25
C LEU A 289 15.03 7.59 11.84
N ASP A 290 15.70 7.09 12.88
CA ASP A 290 16.96 7.72 13.38
C ASP A 290 17.99 7.77 12.25
N LYS A 291 18.14 6.65 11.53
CA LYS A 291 19.17 6.41 10.50
C LYS A 291 18.89 7.34 9.33
N LEU A 292 17.61 7.58 9.07
CA LEU A 292 17.06 8.51 8.07
C LEU A 292 17.53 9.94 8.35
N LYS A 293 17.24 10.50 9.53
CA LYS A 293 17.57 11.93 9.81
C LYS A 293 19.06 12.07 10.19
N ASN A 294 19.74 10.96 10.51
CA ASN A 294 21.19 10.95 10.84
C ASN A 294 21.91 9.97 9.90
N PRO A 295 21.98 10.25 8.58
CA PRO A 295 22.48 9.28 7.59
C PRO A 295 23.99 9.37 7.33
#